data_2IMW
#
_entry.id   2IMW
#
_cell.length_a   98.057
_cell.length_b   101.857
_cell.length_c   52.380
_cell.angle_alpha   90.00
_cell.angle_beta   90.00
_cell.angle_gamma   90.00
#
_symmetry.space_group_name_H-M   'P 21 21 2'
#
loop_
_entity.id
_entity.type
_entity.pdbx_description
1 polymer "5'-D(*GP*GP*GP*GP*GP*AP*AP*GP*GP*AP*TP*TP*C)-3'"
2 polymer "5'-D(*TP*AP*GP*AP*AP*TP*CP*CP*TP*TP*CP*CP*CP*CP*C)-3'"
3 polymer 'DNA polymerase IV'
4 non-polymer 'CALCIUM ION'
5 non-polymer "2',3'-dideoxyadenosine triphosphate"
6 non-polymer 1,2-ETHANEDIOL
7 water water
#
loop_
_entity_poly.entity_id
_entity_poly.type
_entity_poly.pdbx_seq_one_letter_code
_entity_poly.pdbx_strand_id
1 'polydeoxyribonucleotide' (DG)(DG)(DG)(DG)(DG)(DA)(DA)(DG)(DG)(DA)(DT)(DT)(DC) S
2 'polydeoxyribonucleotide' (DT)(DA)(DG)(DA)(DA)(DT)(DC)(DC)(DT)(DT)(DC)(DC)(DC)(DC)(DC) T
3 'polypeptide(L)'
;MIVLFVDFDYFYAQVEEVLNPSLKGKPVVVCVFSGRFEDSGAVATANYEARKFGVKAGIPIVEAKKILPNAVYLPMRKEV
YQQVSSRIMNLLREYSEKIEIASIDEAYLDISDKVRDYREAYNLGLEIKNKILEKEKITVTVGISKNKVFAKIAADMAKP
NGIKVIDDEEVKRLIRELDIADVPGIGNITAEKLKKLGINKLVDTLSIEFDKLKGMIGEAKAKYLISLARDEYNEPIRTR
VRKSIGRIVTMKRNSRNLEEIKPYLFRAIEESYYKLDKRIPKAIHVVAVTEDLDIVSRGRTFPHGISKETAYSESVKLLQ
KILEEDERKIRRIGVRFSKFIEAIGLDK
;
P
#
loop_
_chem_comp.id
_chem_comp.type
_chem_comp.name
_chem_comp.formula
CA non-polymer 'CALCIUM ION' 'Ca 2'
DA DNA linking 2'-DEOXYADENOSINE-5'-MONOPHOSPHATE 'C10 H14 N5 O6 P'
DC DNA linking 2'-DEOXYCYTIDINE-5'-MONOPHOSPHATE 'C9 H14 N3 O7 P'
DDS non-polymer '2',3'-dideoxyadenosine triphosphate' 'C10 H16 N5 O11 P3'
DG DNA linking 2'-DEOXYGUANOSINE-5'-MONOPHOSPHATE 'C10 H14 N5 O7 P'
DT DNA linking THYMIDINE-5'-MONOPHOSPHATE 'C10 H15 N2 O8 P'
EDO non-polymer 1,2-ETHANEDIOL 'C2 H6 O2'
#
# COMPACT_ATOMS: atom_id res chain seq x y z
N MET C 1 13.96 19.30 10.52
CA MET C 1 12.60 18.73 10.33
C MET C 1 12.33 17.65 11.36
N ILE C 2 11.11 17.64 11.88
CA ILE C 2 10.63 16.59 12.79
C ILE C 2 9.36 15.96 12.20
N VAL C 3 9.44 14.66 11.94
CA VAL C 3 8.31 13.93 11.34
C VAL C 3 7.68 12.97 12.34
N LEU C 4 6.36 13.01 12.39
CA LEU C 4 5.55 12.11 13.20
C LEU C 4 4.67 11.25 12.28
N PHE C 5 4.98 9.96 12.26
CA PHE C 5 4.31 9.00 11.39
C PHE C 5 3.36 8.15 12.22
N VAL C 6 2.14 7.98 11.72
CA VAL C 6 1.10 7.24 12.41
C VAL C 6 0.68 6.07 11.52
N ASP C 7 0.67 4.88 12.11
CA ASP C 7 0.36 3.65 11.41
C ASP C 7 -0.70 2.89 12.21
N PHE C 8 -1.93 2.83 11.71
CA PHE C 8 -3.02 2.14 12.43
C PHE C 8 -2.70 0.65 12.53
N ASP C 9 -2.88 0.05 13.72
CA ASP C 9 -2.47 -1.35 13.94
C ASP C 9 -3.42 -2.34 13.30
N TYR C 10 -2.86 -3.35 12.63
CA TYR C 10 -3.62 -4.42 11.96
C TYR C 10 -5.01 -3.91 11.54
N PHE C 11 -5.00 -2.78 10.81
CA PHE C 11 -6.20 -1.95 10.63
C PHE C 11 -7.54 -2.62 10.27
N TYR C 12 -7.59 -3.42 9.20
CA TYR C 12 -8.87 -4.02 8.80
C TYR C 12 -9.44 -4.90 9.89
N ALA C 13 -8.61 -5.77 10.46
CA ALA C 13 -9.04 -6.66 11.52
C ALA C 13 -9.43 -5.91 12.79
N GLN C 14 -8.67 -4.87 13.14
CA GLN C 14 -9.03 -4.03 14.27
C GLN C 14 -10.38 -3.30 14.12
N VAL C 15 -10.69 -2.84 12.91
CA VAL C 15 -12.00 -2.23 12.65
C VAL C 15 -13.12 -3.25 12.88
N GLU C 16 -12.95 -4.47 12.37
CA GLU C 16 -13.93 -5.53 12.63
C GLU C 16 -14.14 -5.79 14.13
N GLU C 17 -13.05 -5.70 14.90
CA GLU C 17 -13.10 -5.85 16.36
C GLU C 17 -13.88 -4.72 17.02
N VAL C 18 -13.69 -3.50 16.53
CA VAL C 18 -14.41 -2.32 17.04
C VAL C 18 -15.92 -2.45 16.77
N LEU C 19 -16.26 -2.97 15.61
CA LEU C 19 -17.66 -3.14 15.26
C LEU C 19 -18.28 -4.36 15.94
N ASN C 20 -17.45 -5.30 16.34
CA ASN C 20 -17.87 -6.52 17.01
C ASN C 20 -16.85 -6.86 18.13
N PRO C 21 -16.96 -6.17 19.28
CA PRO C 21 -16.02 -6.37 20.39
C PRO C 21 -15.85 -7.81 20.89
N SER C 22 -16.84 -8.67 20.65
CA SER C 22 -16.71 -10.08 21.03
C SER C 22 -15.49 -10.77 20.39
N LEU C 23 -15.06 -10.25 19.24
CA LEU C 23 -13.87 -10.71 18.51
C LEU C 23 -12.53 -10.49 19.23
N LYS C 24 -12.50 -9.48 20.11
CA LYS C 24 -11.31 -9.17 20.91
C LYS C 24 -10.76 -10.41 21.61
N GLY C 25 -9.44 -10.61 21.52
CA GLY C 25 -8.80 -11.79 22.10
C GLY C 25 -8.68 -12.99 21.18
N LYS C 26 -9.52 -13.05 20.14
CA LYS C 26 -9.55 -14.16 19.19
C LYS C 26 -8.69 -13.87 17.97
N PRO C 27 -8.16 -14.93 17.31
CA PRO C 27 -7.47 -14.70 16.05
C PRO C 27 -8.48 -14.29 14.99
N VAL C 28 -8.28 -13.12 14.39
CA VAL C 28 -9.20 -12.63 13.35
C VAL C 28 -8.44 -12.52 12.04
N VAL C 29 -9.00 -13.13 11.00
CA VAL C 29 -8.42 -13.14 9.68
C VAL C 29 -9.36 -12.52 8.64
N VAL C 30 -8.92 -11.42 8.06
CA VAL C 30 -9.72 -10.70 7.05
C VAL C 30 -9.28 -11.22 5.69
N CYS C 31 -10.22 -11.72 4.90
CA CYS C 31 -9.89 -12.41 3.65
C CYS C 31 -10.49 -11.76 2.41
N VAL C 32 -9.81 -11.99 1.28
CA VAL C 32 -10.35 -11.68 -0.05
C VAL C 32 -10.70 -13.01 -0.72
N PHE C 33 -11.97 -13.39 -0.65
CA PHE C 33 -12.43 -14.63 -1.26
C PHE C 33 -12.58 -14.44 -2.77
N SER C 34 -11.79 -15.19 -3.54
CA SER C 34 -11.69 -14.97 -5.00
C SER C 34 -12.85 -15.57 -5.82
N GLY C 35 -13.44 -16.66 -5.30
CA GLY C 35 -14.65 -17.23 -5.93
C GLY C 35 -14.41 -18.42 -6.84
N ARG C 36 -13.14 -18.78 -7.03
CA ARG C 36 -12.79 -19.92 -7.88
C ARG C 36 -13.31 -21.22 -7.26
N PHE C 37 -12.84 -21.48 -6.03
CA PHE C 37 -13.28 -22.64 -5.28
C PHE C 37 -13.44 -22.25 -3.80
N GLU C 38 -13.82 -23.24 -2.98
CA GLU C 38 -14.03 -23.03 -1.54
C GLU C 38 -12.74 -22.50 -0.90
N ASP C 39 -12.85 -21.35 -0.24
CA ASP C 39 -11.71 -20.72 0.43
C ASP C 39 -10.53 -20.41 -0.51
N SER C 40 -10.80 -20.39 -1.84
CA SER C 40 -9.81 -19.80 -2.75
C SER C 40 -9.77 -18.31 -2.40
N GLY C 41 -8.62 -17.71 -2.62
CA GLY C 41 -8.40 -16.35 -2.17
C GLY C 41 -7.30 -16.28 -1.13
N ALA C 42 -6.96 -15.05 -0.75
CA ALA C 42 -5.84 -14.82 0.12
C ALA C 42 -6.24 -14.00 1.34
N VAL C 43 -5.43 -14.12 2.37
CA VAL C 43 -5.54 -13.27 3.55
C VAL C 43 -5.12 -11.84 3.20
N ALA C 44 -6.01 -10.90 3.48
CA ALA C 44 -5.68 -9.48 3.34
C ALA C 44 -4.90 -9.02 4.57
N THR C 45 -5.37 -9.37 5.76
CA THR C 45 -4.65 -9.06 7.00
C THR C 45 -5.19 -9.88 8.18
N ALA C 46 -4.44 -9.90 9.26
CA ALA C 46 -4.85 -10.67 10.43
C ALA C 46 -4.46 -9.90 11.66
N ASN C 47 -5.17 -10.07 12.76
CA ASN C 47 -4.73 -9.41 13.99
C ASN C 47 -3.50 -10.11 14.55
N TYR C 48 -2.94 -9.57 15.62
CA TYR C 48 -1.72 -10.14 16.19
C TYR C 48 -1.89 -11.54 16.77
N GLU C 49 -3.08 -11.86 17.23
CA GLU C 49 -3.41 -13.21 17.70
C GLU C 49 -3.26 -14.24 16.58
N ALA C 50 -3.69 -13.88 15.38
CA ALA C 50 -3.52 -14.76 14.20
C ALA C 50 -2.08 -14.73 13.68
N ARG C 51 -1.50 -13.54 13.58
CA ARG C 51 -0.14 -13.40 13.03
C ARG C 51 0.90 -14.12 13.84
N LYS C 52 0.66 -14.20 15.14
CA LYS C 52 1.52 -14.88 16.09
C LYS C 52 1.84 -16.29 15.59
N PHE C 53 0.87 -16.90 14.94
CA PHE C 53 0.99 -18.28 14.49
C PHE C 53 1.35 -18.42 13.02
N GLY C 54 1.61 -17.29 12.35
CA GLY C 54 2.08 -17.32 10.98
C GLY C 54 1.02 -17.01 9.96
N VAL C 55 -0.18 -16.63 10.42
CA VAL C 55 -1.26 -16.27 9.51
C VAL C 55 -1.08 -14.80 9.22
N LYS C 56 -0.74 -14.48 7.98
CA LYS C 56 -0.39 -13.10 7.65
C LYS C 56 -0.85 -12.71 6.24
N ALA C 57 -0.88 -11.41 5.99
CA ALA C 57 -1.24 -10.88 4.68
C ALA C 57 -0.51 -11.64 3.59
N GLY C 58 -1.27 -12.10 2.59
CA GLY C 58 -0.65 -12.72 1.42
C GLY C 58 -0.75 -14.24 1.33
N ILE C 59 -0.93 -14.92 2.46
CA ILE C 59 -1.01 -16.38 2.39
C ILE C 59 -2.39 -16.86 1.92
N PRO C 60 -2.44 -18.00 1.20
CA PRO C 60 -3.74 -18.55 0.83
C PRO C 60 -4.63 -18.80 2.05
N ILE C 61 -5.93 -18.54 1.91
CA ILE C 61 -6.91 -18.80 2.98
C ILE C 61 -6.85 -20.27 3.38
N VAL C 62 -6.71 -21.12 2.38
CA VAL C 62 -6.56 -22.58 2.56
C VAL C 62 -5.42 -22.89 3.54
N GLU C 63 -4.28 -22.25 3.34
CA GLU C 63 -3.13 -22.44 4.21
C GLU C 63 -3.36 -21.88 5.63
N ALA C 64 -4.01 -20.72 5.74
CA ALA C 64 -4.36 -20.12 7.04
C ALA C 64 -5.16 -21.10 7.89
N LYS C 65 -6.16 -21.73 7.27
CA LYS C 65 -7.06 -22.64 7.98
C LYS C 65 -6.37 -23.91 8.47
N LYS C 66 -5.33 -24.32 7.77
CA LYS C 66 -4.50 -25.43 8.22
C LYS C 66 -3.76 -25.06 9.50
N ILE C 67 -3.40 -23.79 9.63
CA ILE C 67 -2.66 -23.31 10.79
C ILE C 67 -3.60 -23.02 11.96
N LEU C 68 -4.69 -22.32 11.66
CA LEU C 68 -5.69 -21.95 12.67
C LEU C 68 -7.09 -22.25 12.14
N PRO C 69 -7.53 -23.53 12.20
CA PRO C 69 -8.88 -23.84 11.71
C PRO C 69 -10.02 -23.16 12.47
N ASN C 70 -9.78 -22.75 13.72
CA ASN C 70 -10.82 -22.15 14.54
C ASN C 70 -10.79 -20.64 14.66
N ALA C 71 -10.01 -19.98 13.80
CA ALA C 71 -9.92 -18.53 13.81
C ALA C 71 -11.20 -18.00 13.17
N VAL C 72 -11.50 -16.72 13.43
CA VAL C 72 -12.62 -16.07 12.76
C VAL C 72 -12.18 -15.54 11.40
N TYR C 73 -12.78 -16.05 10.34
CA TYR C 73 -12.48 -15.63 8.96
C TYR C 73 -13.56 -14.68 8.48
N LEU C 74 -13.17 -13.46 8.15
CA LEU C 74 -14.14 -12.44 7.72
C LEU C 74 -13.83 -11.93 6.32
N PRO C 75 -14.89 -11.58 5.55
CA PRO C 75 -14.66 -10.97 4.26
C PRO C 75 -14.25 -9.51 4.38
N MET C 76 -13.29 -9.09 3.56
CA MET C 76 -12.80 -7.73 3.59
C MET C 76 -13.96 -6.77 3.29
N ARG C 77 -14.12 -5.76 4.12
CA ARG C 77 -15.15 -4.72 3.95
C ARG C 77 -14.49 -3.36 3.81
N LYS C 78 -13.82 -3.16 2.67
CA LYS C 78 -12.97 -1.99 2.43
C LYS C 78 -13.69 -0.64 2.59
N GLU C 79 -14.94 -0.61 2.15
N GLU C 79 -14.94 -0.59 2.17
CA GLU C 79 -15.80 0.57 2.25
CA GLU C 79 -15.74 0.63 2.25
C GLU C 79 -15.92 1.00 3.70
C GLU C 79 -16.01 1.02 3.70
N VAL C 80 -16.10 0.01 4.58
CA VAL C 80 -16.21 0.24 6.02
C VAL C 80 -14.90 0.80 6.57
N TYR C 81 -13.79 0.14 6.26
CA TYR C 81 -12.48 0.59 6.77
C TYR C 81 -12.12 1.97 6.27
N GLN C 82 -12.50 2.26 5.03
CA GLN C 82 -12.25 3.58 4.45
C GLN C 82 -12.96 4.70 5.21
N GLN C 83 -14.19 4.45 5.64
CA GLN C 83 -14.92 5.48 6.38
C GLN C 83 -14.30 5.72 7.75
N VAL C 84 -13.95 4.65 8.47
CA VAL C 84 -13.23 4.78 9.74
C VAL C 84 -11.91 5.52 9.52
N SER C 85 -11.19 5.13 8.47
CA SER C 85 -9.92 5.75 8.14
C SER C 85 -10.10 7.26 7.95
N SER C 86 -11.10 7.65 7.16
CA SER C 86 -11.34 9.07 6.87
C SER C 86 -11.56 9.88 8.13
N ARG C 87 -12.25 9.29 9.11
CA ARG C 87 -12.54 9.97 10.35
C ARG C 87 -11.25 10.19 11.16
N ILE C 88 -10.36 9.21 11.13
CA ILE C 88 -9.09 9.31 11.87
C ILE C 88 -8.13 10.32 11.20
N MET C 89 -8.07 10.28 9.88
CA MET C 89 -7.28 11.26 9.14
C MET C 89 -7.75 12.67 9.45
N ASN C 90 -9.06 12.89 9.49
CA ASN C 90 -9.60 14.19 9.88
C ASN C 90 -9.16 14.63 11.29
N LEU C 91 -9.08 13.66 12.21
CA LEU C 91 -8.55 13.92 13.54
C LEU C 91 -7.08 14.35 13.55
N LEU C 92 -6.29 13.78 12.65
CA LEU C 92 -4.85 14.04 12.58
C LEU C 92 -4.54 15.43 12.03
N ARG C 93 -5.41 15.94 11.16
CA ARG C 93 -5.25 17.27 10.54
C ARG C 93 -5.33 18.40 11.59
N GLU C 94 -5.80 18.03 12.78
CA GLU C 94 -5.93 18.95 13.90
C GLU C 94 -4.61 19.11 14.64
N TYR C 95 -3.61 18.31 14.25
CA TYR C 95 -2.29 18.40 14.88
C TYR C 95 -1.24 19.02 13.96
N SER C 96 -1.53 19.00 12.65
CA SER C 96 -0.67 19.62 11.65
C SER C 96 -1.40 19.79 10.31
N GLU C 97 -1.16 20.93 9.65
CA GLU C 97 -1.70 21.19 8.31
C GLU C 97 -0.85 20.49 7.26
N LYS C 98 0.42 20.26 7.61
CA LYS C 98 1.36 19.53 6.77
C LYS C 98 1.20 18.03 7.03
N ILE C 99 0.27 17.41 6.29
CA ILE C 99 -0.06 16.00 6.46
C ILE C 99 0.00 15.23 5.13
N GLU C 100 0.64 14.07 5.16
CA GLU C 100 0.67 13.20 4.00
C GLU C 100 -0.02 11.85 4.26
N ILE C 101 -1.19 11.64 3.65
N ILE C 101 -1.18 11.66 3.64
CA ILE C 101 -1.89 10.37 3.75
CA ILE C 101 -1.90 10.38 3.67
C ILE C 101 -1.29 9.36 2.75
C ILE C 101 -1.23 9.41 2.72
N ALA C 102 -0.50 8.44 3.26
CA ALA C 102 0.25 7.49 2.43
C ALA C 102 -0.61 6.31 2.00
N SER C 103 -1.61 5.98 2.81
CA SER C 103 -2.51 4.87 2.49
C SER C 103 -3.68 4.96 3.43
N ILE C 104 -4.56 3.98 3.35
CA ILE C 104 -5.74 3.91 4.20
C ILE C 104 -5.40 3.92 5.70
N ASP C 105 -4.24 3.38 6.05
CA ASP C 105 -3.91 3.34 7.48
C ASP C 105 -2.58 3.98 7.89
N GLU C 106 -2.03 4.84 7.02
CA GLU C 106 -0.74 5.48 7.28
C GLU C 106 -0.73 6.96 6.91
N ALA C 107 -0.20 7.79 7.81
CA ALA C 107 -0.08 9.23 7.54
C ALA C 107 1.16 9.86 8.20
N TYR C 108 1.82 10.75 7.46
CA TYR C 108 3.00 11.47 7.93
C TYR C 108 2.58 12.89 8.29
N LEU C 109 3.04 13.36 9.44
CA LEU C 109 2.79 14.76 9.86
C LEU C 109 4.11 15.47 10.05
N ASP C 110 4.27 16.62 9.41
CA ASP C 110 5.40 17.50 9.66
C ASP C 110 5.05 18.41 10.83
N ILE C 111 5.65 18.14 11.98
CA ILE C 111 5.35 18.86 13.22
C ILE C 111 6.49 19.78 13.63
N SER C 112 7.32 20.15 12.66
CA SER C 112 8.48 21.03 12.86
C SER C 112 8.07 22.39 13.47
N ASP C 113 6.91 22.89 13.05
CA ASP C 113 6.35 24.14 13.55
C ASP C 113 5.61 23.98 14.88
N LYS C 114 5.31 22.73 15.25
CA LYS C 114 4.50 22.44 16.44
C LYS C 114 5.31 22.17 17.70
N VAL C 115 6.44 21.49 17.53
CA VAL C 115 7.28 21.08 18.66
C VAL C 115 8.70 21.64 18.53
N ARG C 116 9.46 21.64 19.63
CA ARG C 116 10.82 22.18 19.60
C ARG C 116 11.87 21.07 19.64
N ASP C 117 11.56 19.98 20.34
CA ASP C 117 12.46 18.82 20.39
C ASP C 117 11.73 17.46 20.31
N TYR C 118 12.49 16.38 20.45
CA TYR C 118 11.95 15.02 20.40
C TYR C 118 11.17 14.62 21.65
N ARG C 119 11.42 15.32 22.77
CA ARG C 119 10.69 15.10 24.03
C ARG C 119 9.24 15.56 23.88
N GLU C 120 9.06 16.75 23.31
CA GLU C 120 7.74 17.27 22.98
C GLU C 120 7.11 16.48 21.81
N ALA C 121 7.96 15.99 20.90
CA ALA C 121 7.51 15.11 19.82
C ALA C 121 6.87 13.86 20.41
N TYR C 122 7.60 13.17 21.30
CA TYR C 122 7.10 11.98 21.98
C TYR C 122 5.78 12.26 22.68
N ASN C 123 5.71 13.37 23.41
CA ASN C 123 4.50 13.81 24.11
C ASN C 123 3.32 14.00 23.15
N LEU C 124 3.56 14.69 22.05
CA LEU C 124 2.53 14.90 21.02
C LEU C 124 2.07 13.58 20.42
N GLY C 125 3.01 12.63 20.30
CA GLY C 125 2.72 11.28 19.83
C GLY C 125 1.83 10.51 20.80
N LEU C 126 2.04 10.74 22.10
CA LEU C 126 1.17 10.16 23.14
C LEU C 126 -0.23 10.75 23.08
N GLU C 127 -0.32 12.07 22.92
CA GLU C 127 -1.59 12.77 22.82
C GLU C 127 -2.41 12.24 21.64
N ILE C 128 -1.77 12.13 20.48
CA ILE C 128 -2.40 11.62 19.27
C ILE C 128 -2.94 10.18 19.45
N LYS C 129 -2.11 9.29 20.01
CA LYS C 129 -2.52 7.91 20.31
C LYS C 129 -3.76 7.86 21.21
N ASN C 130 -3.70 8.64 22.30
CA ASN C 130 -4.82 8.78 23.24
C ASN C 130 -6.10 9.28 22.59
N LYS C 131 -5.97 10.31 21.76
CA LYS C 131 -7.10 10.90 21.04
C LYS C 131 -7.78 9.92 20.08
N ILE C 132 -6.99 9.15 19.34
CA ILE C 132 -7.54 8.18 18.39
C ILE C 132 -8.23 7.03 19.14
N LEU C 133 -7.62 6.59 20.23
CA LEU C 133 -8.20 5.53 21.05
C LEU C 133 -9.55 5.94 21.68
N GLU C 134 -9.65 7.17 22.15
CA GLU C 134 -10.90 7.64 22.74
C GLU C 134 -12.01 7.91 21.72
N LYS C 135 -11.66 8.55 20.60
CA LYS C 135 -12.67 8.87 19.58
C LYS C 135 -13.13 7.65 18.76
N GLU C 136 -12.20 6.75 18.45
CA GLU C 136 -12.48 5.65 17.51
C GLU C 136 -12.22 4.25 18.07
N LYS C 137 -11.53 4.20 19.21
CA LYS C 137 -11.16 2.93 19.88
C LYS C 137 -10.20 2.12 19.00
N ILE C 138 -9.33 2.87 18.32
CA ILE C 138 -8.33 2.30 17.44
C ILE C 138 -6.98 2.59 18.04
N THR C 139 -6.18 1.55 18.22
CA THR C 139 -4.79 1.71 18.62
C THR C 139 -3.92 1.87 17.37
N VAL C 140 -2.87 2.66 17.52
CA VAL C 140 -1.94 2.94 16.43
C VAL C 140 -0.51 2.92 16.95
N THR C 141 0.44 2.93 16.02
CA THR C 141 1.85 3.02 16.36
C THR C 141 2.35 4.33 15.78
N VAL C 142 3.17 5.02 16.58
CA VAL C 142 3.74 6.31 16.19
C VAL C 142 5.26 6.16 16.05
N GLY C 143 5.78 6.62 14.93
CA GLY C 143 7.22 6.67 14.70
C GLY C 143 7.63 8.12 14.53
N ILE C 144 8.71 8.49 15.22
CA ILE C 144 9.21 9.88 15.19
C ILE C 144 10.69 9.96 14.81
N SER C 145 11.02 10.83 13.86
CA SER C 145 12.42 11.09 13.48
C SER C 145 12.57 12.35 12.64
N LYS C 146 13.74 12.52 12.04
CA LYS C 146 14.09 13.72 11.28
C LYS C 146 13.58 13.74 9.84
N ASN C 147 13.12 12.57 9.36
CA ASN C 147 12.55 12.45 8.01
C ASN C 147 11.53 11.31 7.92
N LYS C 148 10.82 11.23 6.80
CA LYS C 148 9.78 10.22 6.59
C LYS C 148 10.29 8.79 6.66
N VAL C 149 11.45 8.52 6.08
CA VAL C 149 11.99 7.15 6.03
C VAL C 149 12.26 6.59 7.42
N PHE C 150 12.95 7.36 8.26
CA PHE C 150 13.25 6.94 9.62
C PHE C 150 12.04 6.99 10.53
N ALA C 151 11.11 7.89 10.25
CA ALA C 151 9.85 7.94 11.03
C ALA C 151 9.08 6.63 10.84
N LYS C 152 9.07 6.11 9.61
CA LYS C 152 8.47 4.82 9.28
C LYS C 152 9.22 3.66 9.93
N ILE C 153 10.55 3.69 9.83
CA ILE C 153 11.39 2.68 10.47
C ILE C 153 11.10 2.59 11.97
N ALA C 154 10.95 3.75 12.61
CA ALA C 154 10.62 3.81 14.04
C ALA C 154 9.32 3.08 14.34
N ALA C 155 8.30 3.33 13.52
CA ALA C 155 7.01 2.64 13.66
C ALA C 155 7.11 1.13 13.42
N ASP C 156 7.92 0.73 12.43
CA ASP C 156 8.17 -0.68 12.15
C ASP C 156 8.75 -1.42 13.37
N MET C 157 9.68 -0.76 14.07
CA MET C 157 10.37 -1.35 15.23
C MET C 157 9.49 -1.37 16.48
N ALA C 158 8.49 -0.48 16.52
CA ALA C 158 7.68 -0.27 17.72
C ALA C 158 6.26 -0.85 17.68
N LYS C 159 5.79 -1.28 16.50
CA LYS C 159 4.42 -1.81 16.40
C LYS C 159 4.27 -3.22 17.00
N PRO C 160 3.05 -3.57 17.46
CA PRO C 160 1.82 -2.77 17.50
C PRO C 160 1.72 -1.92 18.75
N ASN C 161 0.69 -1.08 18.80
CA ASN C 161 0.42 -0.18 19.92
C ASN C 161 1.69 0.43 20.52
N GLY C 162 2.53 0.98 19.66
CA GLY C 162 3.82 1.50 20.08
C GLY C 162 4.09 2.96 19.79
N ILE C 163 5.27 3.41 20.22
N ILE C 163 5.27 3.41 20.23
CA ILE C 163 5.76 4.77 19.97
CA ILE C 163 5.76 4.76 19.96
C ILE C 163 7.28 4.78 20.15
C ILE C 163 7.28 4.78 20.15
N LYS C 164 7.99 5.28 19.13
CA LYS C 164 9.45 5.31 19.15
C LYS C 164 10.02 6.56 18.50
N VAL C 165 11.07 7.10 19.13
CA VAL C 165 11.86 8.20 18.56
C VAL C 165 13.20 7.62 18.10
N ILE C 166 13.60 7.94 16.87
CA ILE C 166 14.94 7.66 16.40
C ILE C 166 15.65 9.01 16.30
N ASP C 167 16.49 9.30 17.28
CA ASP C 167 17.21 10.58 17.31
C ASP C 167 18.35 10.61 16.31
N ASP C 168 19.02 11.75 16.22
CA ASP C 168 20.11 11.94 15.26
C ASP C 168 21.22 10.90 15.42
N GLU C 169 21.54 10.56 16.66
CA GLU C 169 22.57 9.57 16.97
C GLU C 169 22.16 8.17 16.50
N GLU C 170 20.92 7.79 16.80
CA GLU C 170 20.39 6.49 16.38
C GLU C 170 20.25 6.38 14.85
N VAL C 171 19.95 7.51 14.20
CA VAL C 171 19.96 7.59 12.72
C VAL C 171 21.33 7.17 12.18
N LYS C 172 22.40 7.74 12.77
CA LYS C 172 23.77 7.40 12.40
C LYS C 172 24.10 5.93 12.66
N ARG C 173 23.68 5.43 13.83
CA ARG C 173 23.86 4.01 14.18
C ARG C 173 23.19 3.09 13.14
N LEU C 174 21.91 3.36 12.84
CA LEU C 174 21.13 2.57 11.87
C LEU C 174 21.75 2.57 10.46
N ILE C 175 22.31 3.70 10.07
CA ILE C 175 23.03 3.82 8.79
C ILE C 175 24.14 2.78 8.74
N ARG C 176 24.83 2.60 9.87
CA ARG C 176 25.87 1.58 9.99
C ARG C 176 25.30 0.16 10.14
N GLU C 177 24.31 -0.03 11.00
CA GLU C 177 23.93 -1.39 11.44
C GLU C 177 22.63 -1.99 10.88
N LEU C 178 21.70 -1.15 10.40
CA LEU C 178 20.44 -1.66 9.86
C LEU C 178 20.67 -2.47 8.58
N ASP C 179 20.13 -3.68 8.55
CA ASP C 179 20.05 -4.46 7.32
C ASP C 179 19.35 -3.61 6.27
N ILE C 180 20.03 -3.39 5.14
CA ILE C 180 19.52 -2.55 4.08
C ILE C 180 18.21 -3.10 3.51
N ALA C 181 17.96 -4.38 3.77
CA ALA C 181 16.70 -5.03 3.41
C ALA C 181 15.51 -4.40 4.13
N ASP C 182 15.73 -3.86 5.32
CA ASP C 182 14.67 -3.25 6.14
C ASP C 182 14.37 -1.78 5.81
N VAL C 183 15.08 -1.24 4.83
CA VAL C 183 14.82 0.13 4.42
C VAL C 183 13.59 0.14 3.48
N PRO C 184 12.61 1.03 3.74
CA PRO C 184 11.47 1.20 2.83
C PRO C 184 11.87 1.33 1.36
N GLY C 185 11.21 0.58 0.51
CA GLY C 185 11.49 0.61 -0.93
C GLY C 185 12.46 -0.44 -1.40
N ILE C 186 12.98 -1.24 -0.47
CA ILE C 186 13.92 -2.31 -0.82
C ILE C 186 13.21 -3.64 -0.58
N GLY C 187 12.71 -4.26 -1.64
CA GLY C 187 12.03 -5.54 -1.50
C GLY C 187 12.99 -6.67 -1.75
N ASN C 188 12.46 -7.88 -1.92
CA ASN C 188 13.32 -9.05 -2.06
C ASN C 188 14.23 -9.00 -3.29
N ILE C 189 13.70 -8.53 -4.42
CA ILE C 189 14.48 -8.42 -5.66
C ILE C 189 15.66 -7.44 -5.54
N THR C 190 15.41 -6.25 -4.98
CA THR C 190 16.48 -5.28 -4.74
C THR C 190 17.47 -5.78 -3.68
N ALA C 191 16.96 -6.32 -2.57
CA ALA C 191 17.85 -6.86 -1.53
C ALA C 191 18.83 -7.90 -2.09
N GLU C 192 18.35 -8.78 -2.98
CA GLU C 192 19.24 -9.77 -3.60
C GLU C 192 20.21 -9.17 -4.62
N LYS C 193 19.75 -8.19 -5.40
CA LYS C 193 20.66 -7.45 -6.31
C LYS C 193 21.76 -6.77 -5.50
N LEU C 194 21.38 -6.21 -4.34
CA LEU C 194 22.33 -5.52 -3.47
C LEU C 194 23.35 -6.47 -2.85
N LYS C 195 22.86 -7.59 -2.29
CA LYS C 195 23.72 -8.58 -1.65
C LYS C 195 24.83 -9.11 -2.59
N LYS C 196 24.45 -9.33 -3.85
CA LYS C 196 25.40 -9.69 -4.93
C LYS C 196 26.45 -8.60 -5.24
N LEU C 197 26.17 -7.37 -4.82
CA LEU C 197 27.15 -6.27 -4.91
C LEU C 197 27.97 -6.14 -3.63
N GLY C 198 27.57 -6.89 -2.60
CA GLY C 198 28.20 -6.81 -1.28
C GLY C 198 27.66 -5.72 -0.36
N ILE C 199 26.59 -5.06 -0.79
CA ILE C 199 25.90 -4.06 0.06
C ILE C 199 24.87 -4.72 0.98
N ASN C 200 25.13 -4.61 2.28
CA ASN C 200 24.26 -5.20 3.30
C ASN C 200 23.76 -4.10 4.23
N LYS C 201 24.43 -2.94 4.18
CA LYS C 201 24.11 -1.80 5.05
C LYS C 201 24.10 -0.51 4.24
N LEU C 202 23.44 0.52 4.74
CA LEU C 202 23.32 1.79 4.03
C LEU C 202 24.70 2.39 3.78
N VAL C 203 25.53 2.40 4.82
CA VAL C 203 26.91 2.90 4.74
C VAL C 203 27.71 2.31 3.56
N ASP C 204 27.45 1.05 3.22
CA ASP C 204 28.11 0.37 2.10
C ASP C 204 27.87 1.06 0.75
N THR C 205 26.72 1.74 0.61
CA THR C 205 26.40 2.42 -0.66
C THR C 205 27.33 3.60 -0.95
N LEU C 206 28.02 4.08 0.07
CA LEU C 206 28.87 5.27 -0.10
C LEU C 206 30.27 4.92 -0.65
N SER C 207 30.69 3.67 -0.46
CA SER C 207 32.04 3.24 -0.88
C SER C 207 32.06 2.54 -2.24
N ILE C 208 30.93 1.92 -2.60
CA ILE C 208 30.77 1.29 -3.91
C ILE C 208 30.73 2.34 -5.02
N GLU C 209 31.30 2.00 -6.18
CA GLU C 209 31.23 2.86 -7.35
C GLU C 209 29.75 3.09 -7.66
N PHE C 210 29.38 4.34 -7.97
CA PHE C 210 27.98 4.69 -8.24
C PHE C 210 27.39 3.95 -9.45
N ASP C 211 28.14 3.92 -10.55
CA ASP C 211 27.68 3.27 -11.79
C ASP C 211 27.45 1.78 -11.61
N LYS C 212 28.25 1.15 -10.75
CA LYS C 212 27.99 -0.25 -10.37
C LYS C 212 26.65 -0.35 -9.64
N LEU C 213 26.45 0.48 -8.63
CA LEU C 213 25.20 0.49 -7.86
C LEU C 213 23.99 0.79 -8.76
N LYS C 214 24.09 1.88 -9.53
CA LYS C 214 23.06 2.28 -10.50
C LYS C 214 22.72 1.17 -11.51
N GLY C 215 23.74 0.61 -12.17
CA GLY C 215 23.54 -0.42 -13.19
C GLY C 215 22.70 -1.58 -12.68
N MET C 216 22.85 -1.86 -11.38
CA MET C 216 22.16 -2.99 -10.75
C MET C 216 20.74 -2.68 -10.31
N ILE C 217 20.54 -1.55 -9.63
CA ILE C 217 19.25 -1.25 -9.00
C ILE C 217 18.51 -0.04 -9.59
N GLY C 218 19.13 0.63 -10.54
CA GLY C 218 18.54 1.82 -11.16
C GLY C 218 19.01 3.08 -10.49
N GLU C 219 19.00 4.18 -11.24
CA GLU C 219 19.51 5.46 -10.78
C GLU C 219 18.74 6.01 -9.58
N ALA C 220 17.41 5.83 -9.61
CA ALA C 220 16.53 6.32 -8.55
C ALA C 220 16.84 5.71 -7.20
N LYS C 221 16.81 4.38 -7.13
CA LYS C 221 17.06 3.69 -5.86
C LYS C 221 18.49 3.90 -5.36
N ALA C 222 19.45 4.00 -6.29
CA ALA C 222 20.85 4.25 -5.93
C ALA C 222 20.94 5.60 -5.21
N LYS C 223 20.41 6.64 -5.85
CA LYS C 223 20.42 8.00 -5.30
C LYS C 223 19.72 8.09 -3.96
N TYR C 224 18.58 7.41 -3.88
CA TYR C 224 17.77 7.32 -2.68
C TYR C 224 18.54 6.74 -1.48
N LEU C 225 19.18 5.59 -1.70
CA LEU C 225 19.93 4.93 -0.65
C LEU C 225 21.14 5.74 -0.21
N ILE C 226 21.83 6.34 -1.17
CA ILE C 226 22.99 7.18 -0.88
C ILE C 226 22.57 8.43 -0.09
N SER C 227 21.49 9.08 -0.51
CA SER C 227 21.01 10.25 0.25
C SER C 227 20.70 9.88 1.70
N LEU C 228 20.14 8.68 1.91
CA LEU C 228 19.89 8.16 3.25
C LEU C 228 21.17 7.89 4.03
N ALA C 229 22.09 7.16 3.41
CA ALA C 229 23.39 6.85 4.04
C ALA C 229 24.21 8.10 4.35
N ARG C 230 24.00 9.16 3.58
CA ARG C 230 24.67 10.44 3.83
C ARG C 230 23.94 11.28 4.89
N ASP C 231 22.81 10.78 5.39
CA ASP C 231 22.00 11.49 6.36
C ASP C 231 21.54 12.82 5.72
N GLU C 232 21.28 12.79 4.42
CA GLU C 232 20.85 13.97 3.68
C GLU C 232 19.50 13.77 2.97
N TYR C 233 18.77 12.72 3.32
CA TYR C 233 17.41 12.53 2.79
C TYR C 233 16.47 13.59 3.36
N ASN C 234 15.72 14.25 2.48
CA ASN C 234 14.94 15.44 2.88
C ASN C 234 13.45 15.50 2.49
N GLU C 235 13.01 14.61 1.60
CA GLU C 235 11.66 14.66 1.03
C GLU C 235 10.56 15.29 1.89
N PRO C 236 9.93 16.38 1.39
CA PRO C 236 8.89 17.08 2.12
C PRO C 236 7.58 16.28 2.25
N ILE C 237 6.80 16.63 3.27
CA ILE C 237 5.48 16.05 3.46
C ILE C 237 4.56 16.71 2.46
N ARG C 238 4.03 15.91 1.53
CA ARG C 238 3.19 16.44 0.46
C ARG C 238 1.89 15.65 0.32
N THR C 239 0.84 16.37 -0.07
CA THR C 239 -0.49 15.80 -0.28
C THR C 239 -0.45 14.83 -1.46
N ARG C 240 -0.72 13.55 -1.20
CA ARG C 240 -0.76 12.55 -2.29
C ARG C 240 -2.08 12.61 -3.03
N VAL C 241 -2.01 12.58 -4.35
CA VAL C 241 -3.21 12.65 -5.19
C VAL C 241 -3.39 11.33 -5.91
N ARG C 242 -4.60 10.76 -5.80
CA ARG C 242 -4.95 9.53 -6.49
C ARG C 242 -4.77 9.74 -7.99
N LYS C 243 -4.06 8.82 -8.62
CA LYS C 243 -3.69 8.96 -10.03
C LYS C 243 -4.34 7.93 -10.95
N SER C 244 -4.85 6.85 -10.37
CA SER C 244 -5.52 5.83 -11.15
C SER C 244 -6.52 5.08 -10.29
N ILE C 245 -7.58 4.61 -10.93
CA ILE C 245 -8.62 3.85 -10.27
C ILE C 245 -9.00 2.72 -11.21
N GLY C 246 -9.02 1.52 -10.66
CA GLY C 246 -9.32 0.35 -11.47
C GLY C 246 -9.76 -0.85 -10.67
N ARG C 247 -9.95 -1.96 -11.37
CA ARG C 247 -10.46 -3.19 -10.80
C ARG C 247 -10.06 -4.31 -11.75
N ILE C 248 -9.51 -5.39 -11.19
CA ILE C 248 -9.15 -6.59 -11.94
C ILE C 248 -9.94 -7.74 -11.34
N VAL C 249 -10.73 -8.43 -12.16
N VAL C 249 -10.69 -8.46 -12.18
CA VAL C 249 -11.54 -9.55 -11.66
CA VAL C 249 -11.56 -9.54 -11.72
C VAL C 249 -10.97 -10.89 -12.12
C VAL C 249 -11.01 -10.90 -12.14
N THR C 250 -11.01 -11.85 -11.20
CA THR C 250 -10.59 -13.22 -11.46
C THR C 250 -11.73 -13.93 -12.15
N MET C 251 -11.42 -14.61 -13.25
CA MET C 251 -12.42 -15.36 -13.99
C MET C 251 -12.55 -16.77 -13.41
N LYS C 252 -13.63 -17.45 -13.76
CA LYS C 252 -13.91 -18.79 -13.27
C LYS C 252 -12.86 -19.76 -13.80
N ARG C 253 -12.47 -19.57 -15.05
CA ARG C 253 -11.44 -20.39 -15.69
C ARG C 253 -10.60 -19.58 -16.66
N ASN C 254 -9.37 -20.04 -16.91
CA ASN C 254 -8.49 -19.42 -17.90
C ASN C 254 -9.12 -19.44 -19.29
N SER C 255 -8.86 -18.39 -20.07
CA SER C 255 -9.55 -18.23 -21.36
C SER C 255 -8.85 -17.26 -22.30
N ARG C 256 -9.02 -17.52 -23.60
CA ARG C 256 -8.57 -16.63 -24.66
C ARG C 256 -9.74 -16.29 -25.59
N ASN C 257 -10.94 -16.65 -25.11
CA ASN C 257 -12.18 -16.40 -25.83
C ASN C 257 -12.77 -15.02 -25.46
N LEU C 258 -12.82 -14.14 -26.45
CA LEU C 258 -13.29 -12.76 -26.26
C LEU C 258 -14.66 -12.68 -25.59
N GLU C 259 -15.60 -13.49 -26.05
CA GLU C 259 -16.98 -13.49 -25.56
C GLU C 259 -17.11 -13.99 -24.13
N GLU C 260 -16.29 -14.96 -23.78
CA GLU C 260 -16.23 -15.49 -22.43
C GLU C 260 -15.58 -14.49 -21.47
N ILE C 261 -14.61 -13.73 -21.96
CA ILE C 261 -13.88 -12.75 -21.15
C ILE C 261 -14.68 -11.46 -20.93
N LYS C 262 -15.37 -11.01 -21.98
CA LYS C 262 -16.15 -9.77 -21.97
C LYS C 262 -16.96 -9.45 -20.70
N PRO C 263 -17.81 -10.39 -20.23
CA PRO C 263 -18.61 -10.11 -19.02
C PRO C 263 -17.78 -9.72 -17.79
N TYR C 264 -16.65 -10.38 -17.59
CA TYR C 264 -15.74 -10.04 -16.50
C TYR C 264 -15.17 -8.64 -16.69
N LEU C 265 -14.71 -8.37 -17.91
CA LEU C 265 -14.13 -7.08 -18.25
C LEU C 265 -15.16 -5.95 -18.05
N PHE C 266 -16.41 -6.25 -18.40
CA PHE C 266 -17.49 -5.28 -18.27
C PHE C 266 -17.87 -5.00 -16.81
N ARG C 267 -17.87 -6.04 -15.97
CA ARG C 267 -18.05 -5.89 -14.53
C ARG C 267 -16.95 -5.01 -13.89
N ALA C 268 -15.71 -5.25 -14.30
CA ALA C 268 -14.57 -4.43 -13.89
C ALA C 268 -14.78 -2.95 -14.24
N ILE C 269 -15.30 -2.71 -15.45
CA ILE C 269 -15.64 -1.36 -15.88
C ILE C 269 -16.72 -0.74 -14.98
N GLU C 270 -17.82 -1.46 -14.78
CA GLU C 270 -18.92 -0.96 -13.93
C GLU C 270 -18.43 -0.54 -12.54
N GLU C 271 -17.65 -1.43 -11.91
CA GLU C 271 -17.11 -1.18 -10.58
C GLU C 271 -16.18 0.02 -10.62
N SER C 272 -15.29 0.03 -11.61
CA SER C 272 -14.33 1.11 -11.77
C SER C 272 -15.02 2.47 -11.92
N TYR C 273 -16.07 2.53 -12.74
CA TYR C 273 -16.83 3.78 -12.90
C TYR C 273 -17.52 4.24 -11.63
N TYR C 274 -18.04 3.28 -10.88
CA TYR C 274 -18.57 3.56 -9.55
C TYR C 274 -17.51 4.22 -8.67
N LYS C 275 -16.33 3.59 -8.58
CA LYS C 275 -15.23 4.11 -7.77
C LYS C 275 -14.73 5.50 -8.21
N LEU C 276 -14.71 5.75 -9.51
CA LEU C 276 -14.26 7.04 -10.04
C LEU C 276 -15.00 8.22 -9.42
N ASP C 277 -16.27 7.97 -9.07
CA ASP C 277 -17.18 8.99 -8.53
C ASP C 277 -17.32 10.14 -9.55
N LYS C 278 -16.74 11.29 -9.24
CA LYS C 278 -16.85 12.46 -10.11
C LYS C 278 -15.62 12.68 -10.98
N ARG C 279 -14.59 11.86 -10.77
CA ARG C 279 -13.38 11.94 -11.58
C ARG C 279 -13.64 11.41 -12.99
N ILE C 280 -13.21 12.18 -13.98
CA ILE C 280 -13.34 11.79 -15.38
C ILE C 280 -11.97 11.50 -15.96
N PRO C 281 -11.70 10.23 -16.30
CA PRO C 281 -10.42 9.84 -16.88
C PRO C 281 -10.27 10.12 -18.39
N LYS C 282 -9.05 10.45 -18.82
CA LYS C 282 -8.78 10.61 -20.25
C LYS C 282 -8.03 9.40 -20.78
N ALA C 283 -7.56 8.55 -19.87
CA ALA C 283 -6.85 7.32 -20.23
C ALA C 283 -7.49 6.07 -19.65
N ILE C 284 -7.43 4.99 -20.44
CA ILE C 284 -7.93 3.68 -20.01
C ILE C 284 -6.90 2.62 -20.39
N HIS C 285 -6.67 1.67 -19.48
CA HIS C 285 -5.77 0.55 -19.76
C HIS C 285 -6.49 -0.72 -19.43
N VAL C 286 -6.46 -1.69 -20.34
CA VAL C 286 -6.95 -3.02 -19.98
C VAL C 286 -5.75 -3.79 -19.46
N VAL C 287 -5.96 -4.51 -18.36
CA VAL C 287 -4.90 -5.25 -17.72
C VAL C 287 -5.29 -6.73 -17.64
N ALA C 288 -4.48 -7.59 -18.24
CA ALA C 288 -4.69 -9.03 -18.14
C ALA C 288 -3.64 -9.68 -17.23
N VAL C 289 -4.09 -10.57 -16.36
CA VAL C 289 -3.18 -11.42 -15.62
C VAL C 289 -3.22 -12.78 -16.29
N THR C 290 -2.07 -13.21 -16.82
CA THR C 290 -1.95 -14.47 -17.53
C THR C 290 -1.98 -15.66 -16.56
N GLU C 291 -2.12 -16.87 -17.10
CA GLU C 291 -2.17 -18.11 -16.32
C GLU C 291 -0.97 -18.29 -15.38
N ASP C 292 0.21 -17.91 -15.87
CA ASP C 292 1.45 -17.98 -15.09
C ASP C 292 1.65 -16.73 -14.23
N LEU C 293 0.55 -16.00 -14.02
CA LEU C 293 0.48 -14.82 -13.14
C LEU C 293 1.27 -13.59 -13.59
N ASP C 294 1.70 -13.59 -14.86
CA ASP C 294 2.29 -12.40 -15.47
C ASP C 294 1.24 -11.29 -15.68
N ILE C 295 1.70 -10.09 -15.99
CA ILE C 295 0.78 -8.97 -16.19
C ILE C 295 1.07 -8.30 -17.53
N VAL C 296 0.04 -8.23 -18.37
CA VAL C 296 0.10 -7.60 -19.69
C VAL C 296 -0.92 -6.45 -19.73
N SER C 297 -0.47 -5.30 -20.22
CA SER C 297 -1.24 -4.05 -20.19
C SER C 297 -1.25 -3.37 -21.58
N ARG C 298 -2.43 -2.90 -21.99
CA ARG C 298 -2.54 -2.06 -23.19
C ARG C 298 -3.52 -0.92 -22.90
N GLY C 299 -3.15 0.30 -23.28
CA GLY C 299 -4.01 1.44 -22.99
C GLY C 299 -4.18 2.42 -24.12
N ARG C 300 -5.05 3.40 -23.91
CA ARG C 300 -5.27 4.48 -24.87
C ARG C 300 -5.55 5.77 -24.12
N THR C 301 -5.00 6.88 -24.61
CA THR C 301 -5.26 8.20 -24.04
C THR C 301 -6.03 8.99 -25.07
N PHE C 302 -7.12 9.62 -24.63
CA PHE C 302 -7.98 10.42 -25.50
C PHE C 302 -7.75 11.88 -25.13
N PRO C 303 -7.93 12.80 -26.09
CA PRO C 303 -7.85 14.24 -25.78
C PRO C 303 -9.08 14.78 -25.06
N HIS C 304 -9.87 13.87 -24.49
CA HIS C 304 -11.11 14.20 -23.80
C HIS C 304 -11.39 13.11 -22.76
N GLY C 305 -12.38 13.37 -21.90
CA GLY C 305 -12.83 12.39 -20.91
C GLY C 305 -13.49 11.19 -21.55
N ILE C 306 -13.47 10.07 -20.85
CA ILE C 306 -13.98 8.81 -21.38
C ILE C 306 -15.33 8.51 -20.77
N SER C 307 -16.38 8.52 -21.59
CA SER C 307 -17.71 8.12 -21.14
C SER C 307 -17.73 6.63 -20.86
N LYS C 308 -18.71 6.13 -20.11
CA LYS C 308 -18.74 4.69 -19.87
C LYS C 308 -18.88 3.87 -21.18
N GLU C 309 -19.65 4.40 -22.14
CA GLU C 309 -19.83 3.75 -23.43
C GLU C 309 -18.51 3.65 -24.21
N THR C 310 -17.74 4.74 -24.22
CA THR C 310 -16.42 4.74 -24.87
C THR C 310 -15.51 3.75 -24.13
N ALA C 311 -15.61 3.73 -22.80
CA ALA C 311 -14.85 2.74 -22.02
C ALA C 311 -15.16 1.30 -22.46
N TYR C 312 -16.45 1.01 -22.67
CA TYR C 312 -16.89 -0.31 -23.13
C TYR C 312 -16.31 -0.71 -24.51
N SER C 313 -16.45 0.18 -25.49
CA SER C 313 -15.92 -0.12 -26.83
C SER C 313 -14.39 -0.15 -26.87
N GLU C 314 -13.73 0.86 -26.28
CA GLU C 314 -12.27 0.85 -26.27
C GLU C 314 -11.65 -0.35 -25.56
N SER C 315 -12.26 -0.78 -24.46
CA SER C 315 -11.73 -1.90 -23.66
C SER C 315 -11.66 -3.20 -24.46
N VAL C 316 -12.64 -3.42 -25.34
CA VAL C 316 -12.66 -4.61 -26.18
C VAL C 316 -11.51 -4.57 -27.19
N LYS C 317 -11.32 -3.40 -27.82
CA LYS C 317 -10.24 -3.20 -28.79
C LYS C 317 -8.90 -3.43 -28.13
N LEU C 318 -8.75 -2.93 -26.91
CA LEU C 318 -7.51 -3.14 -26.14
C LEU C 318 -7.29 -4.62 -25.74
N LEU C 319 -8.33 -5.29 -25.27
CA LEU C 319 -8.26 -6.73 -24.97
C LEU C 319 -7.91 -7.54 -26.24
N GLN C 320 -8.51 -7.19 -27.36
CA GLN C 320 -8.17 -7.82 -28.64
C GLN C 320 -6.69 -7.67 -28.96
N LYS C 321 -6.15 -6.49 -28.67
CA LYS C 321 -4.73 -6.20 -28.85
C LYS C 321 -3.83 -7.09 -27.97
N ILE C 322 -4.23 -7.27 -26.72
CA ILE C 322 -3.53 -8.16 -25.78
C ILE C 322 -3.52 -9.60 -26.31
N LEU C 323 -4.70 -10.09 -26.71
CA LEU C 323 -4.88 -11.44 -27.25
C LEU C 323 -3.96 -11.71 -28.44
N GLU C 324 -3.79 -10.71 -29.30
CA GLU C 324 -2.93 -10.80 -30.49
C GLU C 324 -1.45 -10.85 -30.16
N GLU C 325 -1.05 -10.10 -29.13
CA GLU C 325 0.37 -9.90 -28.83
C GLU C 325 0.88 -10.77 -27.69
N ASP C 326 0.02 -11.62 -27.17
CA ASP C 326 0.39 -12.55 -26.12
C ASP C 326 -0.41 -13.83 -26.30
N GLU C 327 0.30 -14.94 -26.49
CA GLU C 327 -0.35 -16.23 -26.78
C GLU C 327 -0.90 -16.95 -25.54
N ARG C 328 -0.46 -16.52 -24.35
CA ARG C 328 -0.84 -17.16 -23.09
C ARG C 328 -2.31 -16.97 -22.75
N LYS C 329 -2.86 -17.92 -21.98
CA LYS C 329 -4.24 -17.83 -21.48
C LYS C 329 -4.37 -16.78 -20.38
N ILE C 330 -5.53 -16.13 -20.34
CA ILE C 330 -5.78 -15.06 -19.38
C ILE C 330 -6.58 -15.61 -18.20
N ARG C 331 -6.13 -15.29 -16.99
CA ARG C 331 -6.73 -15.78 -15.75
C ARG C 331 -7.60 -14.70 -15.10
N ARG C 332 -7.06 -13.49 -15.05
CA ARG C 332 -7.76 -12.33 -14.51
C ARG C 332 -7.81 -11.24 -15.58
N ILE C 333 -8.84 -10.42 -15.51
CA ILE C 333 -9.01 -9.34 -16.48
C ILE C 333 -9.59 -8.13 -15.79
N GLY C 334 -9.09 -6.97 -16.16
CA GLY C 334 -9.57 -5.75 -15.55
C GLY C 334 -9.26 -4.52 -16.32
N VAL C 335 -9.48 -3.38 -15.68
N VAL C 335 -9.53 -3.38 -15.70
CA VAL C 335 -9.34 -2.11 -16.34
CA VAL C 335 -9.30 -2.09 -16.32
C VAL C 335 -8.80 -1.08 -15.33
C VAL C 335 -8.69 -1.13 -15.32
N ARG C 336 -8.06 -0.09 -15.83
CA ARG C 336 -7.54 0.97 -14.99
C ARG C 336 -7.73 2.30 -15.71
N PHE C 337 -8.25 3.27 -14.99
CA PHE C 337 -8.51 4.60 -15.53
C PHE C 337 -7.58 5.59 -14.89
N SER C 338 -7.10 6.55 -15.68
CA SER C 338 -6.16 7.57 -15.24
C SER C 338 -6.28 8.83 -16.07
N LYS C 339 -5.33 9.75 -15.87
CA LYS C 339 -5.30 11.06 -16.55
C LYS C 339 -6.62 11.78 -16.37
N PHE C 340 -6.97 12.01 -15.10
CA PHE C 340 -8.21 12.67 -14.69
C PHE C 340 -8.24 14.15 -15.06
N ILE C 341 -9.41 14.59 -15.54
CA ILE C 341 -9.65 15.99 -15.86
C ILE C 341 -9.40 16.88 -14.62
N GLU C 342 -8.55 17.91 -14.79
CA GLU C 342 -8.61 19.16 -13.94
C GLU C 342 -7.47 19.55 -12.97
N ALA C 343 -6.31 18.87 -12.97
CA ALA C 343 -5.16 19.36 -12.15
C ALA C 343 -3.80 18.61 -12.22
N ILE C 344 -2.92 18.93 -11.25
CA ILE C 344 -1.63 18.23 -11.07
C ILE C 344 -1.81 16.92 -10.29
N GLY C 345 -0.96 15.94 -10.61
CA GLY C 345 -1.18 14.53 -10.18
C GLY C 345 -2.37 14.02 -10.97
N LEU C 346 -3.21 13.20 -10.34
CA LEU C 346 -4.51 12.76 -10.91
C LEU C 346 -4.37 11.97 -12.23
N ASP C 347 -3.28 11.20 -12.42
CA ASP C 347 -3.19 10.35 -13.62
C ASP C 347 -1.85 9.74 -14.02
N LYS C 348 -1.95 8.60 -14.72
CA LYS C 348 -0.79 7.87 -15.24
C LYS C 348 -1.20 6.68 -16.15
CA CA D . -0.92 -0.70 9.83
CA CA E . 12.42 -5.26 2.66
N1 DDS F . -4.61 -8.77 -0.67
C2 DDS F . -5.25 -7.67 -0.24
N3 DDS F . -4.63 -6.77 0.52
C4 DDS F . -3.32 -6.94 0.87
C5 DDS F . -2.64 -8.07 0.45
C6 DDS F . -3.32 -8.99 -0.35
N6 DDS F . -2.70 -10.12 -0.78
N7 DDS F . -1.39 -8.01 0.93
C8 DDS F . -1.30 -6.87 1.65
N9 DDS F . -2.48 -6.22 1.61
PA DDS F . 0.59 -4.15 7.09
PB DDS F . -1.69 -3.86 8.90
PG DDS F . 0.48 -3.68 10.78
C1' DDS F . -2.79 -4.91 2.26
O1A DDS F . 0.85 -5.45 7.82
O1B DDS F . -2.64 -4.94 8.47
O1G DDS F . 0.60 -2.30 10.07
C2' DDS F . -3.96 -5.03 3.25
O2A DDS F . 1.70 -3.11 7.05
O2B DDS F . -2.29 -2.59 9.51
O2G DDS F . -0.09 -3.59 12.20
C3' DDS F . -3.36 -4.79 4.62
O3A DDS F . -0.75 -3.42 7.63
O3B DDS F . -0.55 -4.54 9.91
O3G DDS F . 1.75 -4.57 10.61
C4' DDS F . -1.90 -4.42 4.41
O4' DDS F . -1.65 -4.48 2.99
C5' DDS F . -0.92 -5.30 5.19
O5' DDS F . 0.24 -4.51 5.54
C1 EDO G . 5.06 11.75 -2.65
O1 EDO G . 5.22 11.34 -1.24
C2 EDO G . 3.58 12.13 -2.87
O2 EDO G . 3.47 13.21 -3.81
C1 EDO H . -10.67 -3.42 -3.17
O1 EDO H . -10.85 -4.72 -3.72
C2 EDO H . -9.34 -3.35 -2.43
O2 EDO H . -9.16 -2.04 -1.88
C1 EDO I . 15.94 10.25 -8.10
O1 EDO I . 16.07 9.90 -9.50
C2 EDO I . 15.42 9.07 -7.26
O2 EDO I . 16.09 8.94 -5.98
C1 EDO J . -1.78 0.50 -15.23
O1 EDO J . -1.55 -0.54 -16.24
C2 EDO J . -2.61 1.62 -15.87
O2 EDO J . -2.74 2.79 -15.01
C1 EDO K . 10.59 8.17 27.22
O1 EDO K . 10.78 8.98 26.05
C2 EDO K . 11.18 6.79 26.96
O2 EDO K . 10.11 5.84 26.84
C1 EDO L . -17.61 -8.28 -10.46
O1 EDO L . -16.66 -8.82 -9.53
C2 EDO L . -17.86 -9.28 -11.57
O2 EDO L . -17.29 -10.56 -11.24
#